data_6SCU
#
_entry.id   6SCU
#
_cell.length_a   92.307
_cell.length_b   92.307
_cell.length_c   129.622
_cell.angle_alpha   90.000
_cell.angle_beta   90.000
_cell.angle_gamma   120.000
#
_symmetry.space_group_name_H-M   'P 61 2 2'
#
loop_
_entity.id
_entity.type
_entity.pdbx_description
1 polymer Thermolysin
2 non-polymer 'ZINC ION'
3 non-polymer 'CALCIUM ION'
4 non-polymer 'DIMETHYL SULFOXIDE'
5 non-polymer '4-diazanyl-4-oxidanylidene-butanoic acid'
6 water water
#
_entity_poly.entity_id   1
_entity_poly.type   'polypeptide(L)'
_entity_poly.pdbx_seq_one_letter_code
;ITGTSTVGVGRGVLGDQKNINTTYSTYYYLQDNTRGNGIFTYDAKYRTTLPGSLWADADNQFFASYDAPAVDAHYYAGVT
YDYYKNVHNRLSYDGNNAAIRSSVHYSQGYNNAFWNGSQMVYGDGDGQTFIPLSGGIDVVAHELTHAVTDYTAGLIYQNE
SGAINEAISDIFGTLVEFYANKNPDWEIGEDVYTPGISGDSLRSMSDPAKYGDPDHYSKRYTGTQDNGGVHINSGIINKA
AYLISQGGTHYGVSVVGIGRDKLGKIFYRALTQYLTPTSNFSQLRAAAVQSATDLYGSTSQEVASVKQAFDAVGVK
;
_entity_poly.pdbx_strand_id   E
#
loop_
_chem_comp.id
_chem_comp.type
_chem_comp.name
_chem_comp.formula
88B non-polymer '4-diazanyl-4-oxidanylidene-butanoic acid' 'C4 H8 N2 O3'
CA non-polymer 'CALCIUM ION' 'Ca 2'
DMS non-polymer 'DIMETHYL SULFOXIDE' 'C2 H6 O S'
ZN non-polymer 'ZINC ION' 'Zn 2'
#
# COMPACT_ATOMS: atom_id res chain seq x y z
N ILE A 1 0.24 7.98 24.65
CA ILE A 1 0.33 8.58 25.99
C ILE A 1 -0.56 9.81 26.08
N THR A 2 -0.77 10.28 27.30
CA THR A 2 -1.53 11.49 27.52
C THR A 2 -0.60 12.69 27.43
N GLY A 3 -0.99 13.67 26.62
CA GLY A 3 -0.16 14.84 26.45
C GLY A 3 -0.87 15.82 25.55
N THR A 4 -0.12 16.80 25.07
N THR A 4 -0.11 16.82 25.07
CA THR A 4 -0.72 17.82 24.21
CA THR A 4 -0.66 17.86 24.22
C THR A 4 -0.17 17.70 22.80
C THR A 4 -0.16 17.68 22.80
N SER A 5 -1.05 17.94 21.84
CA SER A 5 -0.70 17.78 20.44
C SER A 5 0.21 18.91 19.97
N THR A 6 1.29 18.57 19.29
N THR A 6 1.25 18.53 19.25
CA THR A 6 2.15 19.61 18.73
CA THR A 6 2.34 19.41 18.84
C THR A 6 2.64 19.15 17.37
C THR A 6 2.70 19.09 17.38
N VAL A 7 3.52 19.93 16.77
CA VAL A 7 3.98 19.74 15.41
C VAL A 7 5.49 19.86 15.38
N GLY A 8 6.15 18.75 15.07
CA GLY A 8 7.58 18.74 14.90
C GLY A 8 7.95 18.84 13.44
N VAL A 9 9.25 18.83 13.19
CA VAL A 9 9.79 18.94 11.85
C VAL A 9 10.97 18.00 11.75
N GLY A 10 11.15 17.41 10.58
CA GLY A 10 12.26 16.50 10.41
C GLY A 10 12.54 16.27 8.95
N ARG A 11 13.44 15.32 8.69
CA ARG A 11 13.78 14.92 7.35
C ARG A 11 13.56 13.43 7.20
N GLY A 12 13.01 13.05 6.05
CA GLY A 12 12.77 11.66 5.75
C GLY A 12 13.97 10.98 5.11
N VAL A 13 13.76 9.73 4.74
CA VAL A 13 14.81 8.87 4.20
C VAL A 13 15.46 9.47 2.96
N LEU A 14 14.70 10.18 2.15
CA LEU A 14 15.23 10.78 0.92
C LEU A 14 15.74 12.20 1.12
N GLY A 15 15.76 12.69 2.36
CA GLY A 15 16.31 14.01 2.63
C GLY A 15 15.33 15.15 2.50
N ASP A 16 14.04 14.85 2.37
CA ASP A 16 13.02 15.88 2.27
C ASP A 16 12.52 16.28 3.66
N GLN A 17 12.31 17.58 3.83
CA GLN A 17 11.84 18.11 5.09
C GLN A 17 10.31 18.04 5.13
N LYS A 18 9.77 17.63 6.27
CA LYS A 18 8.33 17.61 6.41
C LYS A 18 7.96 17.83 7.87
N ASN A 19 6.76 18.34 8.08
CA ASN A 19 6.22 18.52 9.41
C ASN A 19 5.48 17.25 9.82
N ILE A 20 5.55 16.92 11.10
CA ILE A 20 4.92 15.71 11.63
C ILE A 20 4.15 16.04 12.90
N ASN A 21 3.01 15.39 13.08
CA ASN A 21 2.20 15.57 14.27
C ASN A 21 2.77 14.73 15.40
N THR A 22 3.08 15.38 16.52
CA THR A 22 3.68 14.76 17.68
C THR A 22 2.83 15.05 18.91
N THR A 23 3.22 14.47 20.04
CA THR A 23 2.56 14.69 21.32
C THR A 23 3.63 15.00 22.36
N TYR A 24 3.42 16.07 23.11
CA TYR A 24 4.38 16.46 24.14
C TYR A 24 3.91 16.03 25.54
N SER A 25 4.80 15.33 26.23
CA SER A 25 4.67 15.09 27.66
C SER A 25 6.07 14.66 28.12
N THR A 26 6.84 15.65 28.60
CA THR A 26 8.26 15.54 28.95
C THR A 26 9.12 15.40 27.71
N TYR A 27 8.90 14.35 26.93
CA TYR A 27 9.44 14.18 25.60
C TYR A 27 8.38 14.52 24.56
N TYR A 28 8.84 14.69 23.32
CA TYR A 28 7.99 14.74 22.14
C TYR A 28 7.93 13.35 21.53
N TYR A 29 6.72 12.79 21.41
CA TYR A 29 6.51 11.45 20.91
C TYR A 29 5.93 11.48 19.51
N LEU A 30 6.28 10.46 18.72
CA LEU A 30 5.65 10.26 17.40
C LEU A 30 4.27 9.64 17.63
N GLN A 31 3.36 10.52 18.01
CA GLN A 31 1.97 10.20 18.29
C GLN A 31 1.16 11.35 17.71
N ASP A 32 0.41 11.05 16.67
CA ASP A 32 -0.40 12.01 15.94
C ASP A 32 -1.83 11.86 16.40
N ASN A 33 -2.32 12.83 17.17
CA ASN A 33 -3.67 12.78 17.70
C ASN A 33 -4.72 13.35 16.76
N THR A 34 -4.31 13.86 15.59
CA THR A 34 -5.24 14.53 14.69
C THR A 34 -5.97 13.56 13.78
N ARG A 35 -5.61 12.28 13.80
CA ARG A 35 -6.17 11.28 12.89
C ARG A 35 -6.70 10.11 13.68
N GLY A 36 -8.02 9.99 13.73
CA GLY A 36 -8.67 8.87 14.39
C GLY A 36 -8.27 8.78 15.84
N ASN A 37 -8.02 7.55 16.28
CA ASN A 37 -7.54 7.31 17.63
C ASN A 37 -6.03 7.30 17.71
N GLY A 38 -5.37 7.86 16.72
CA GLY A 38 -3.97 8.16 16.79
C GLY A 38 -3.16 7.34 15.81
N ILE A 39 -2.03 7.91 15.42
CA ILE A 39 -0.98 7.23 14.68
C ILE A 39 0.25 7.25 15.56
N PHE A 40 0.81 6.06 15.81
CA PHE A 40 1.87 5.87 16.79
C PHE A 40 3.04 5.19 16.10
N THR A 41 4.24 5.74 16.24
CA THR A 41 5.43 5.18 15.60
C THR A 41 6.45 4.83 16.67
N TYR A 42 7.04 3.63 16.53
CA TYR A 42 7.88 3.00 17.54
C TYR A 42 9.27 2.70 16.99
N ASP A 43 10.24 2.65 17.90
CA ASP A 43 11.62 2.26 17.61
C ASP A 43 11.80 0.79 18.02
N ALA A 44 12.05 -0.08 17.03
CA ALA A 44 12.40 -1.47 17.31
C ALA A 44 13.88 -1.67 17.59
N LYS A 45 14.72 -0.65 17.40
CA LYS A 45 16.10 -0.61 17.92
C LYS A 45 16.96 -1.75 17.38
N TYR A 46 16.72 -2.14 16.14
CA TYR A 46 17.44 -3.20 15.44
C TYR A 46 17.10 -4.59 15.96
N ARG A 47 16.14 -4.72 16.87
CA ARG A 47 15.71 -6.01 17.36
C ARG A 47 14.48 -6.49 16.59
N THR A 48 14.01 -7.69 16.92
CA THR A 48 12.84 -8.28 16.30
C THR A 48 11.66 -8.37 17.26
N THR A 49 11.81 -7.87 18.49
CA THR A 49 10.70 -7.80 19.42
C THR A 49 9.85 -6.59 19.06
N LEU A 50 8.53 -6.76 19.10
CA LEU A 50 7.63 -5.71 18.67
C LEU A 50 6.68 -5.32 19.80
N PRO A 51 6.26 -4.05 19.86
CA PRO A 51 6.55 -3.01 18.87
C PRO A 51 7.85 -2.25 19.11
N GLY A 52 8.49 -2.47 20.25
CA GLY A 52 9.56 -1.59 20.66
C GLY A 52 8.99 -0.47 21.52
N SER A 53 9.72 0.64 21.57
CA SER A 53 9.33 1.77 22.40
C SER A 53 8.75 2.90 21.57
N LEU A 54 7.68 3.53 22.08
CA LEU A 54 7.10 4.66 21.38
C LEU A 54 8.17 5.71 21.17
N TRP A 55 8.28 6.22 19.95
CA TRP A 55 9.42 7.05 19.59
C TRP A 55 9.37 8.36 20.37
N ALA A 56 10.43 8.63 21.12
CA ALA A 56 10.56 9.79 22.00
C ALA A 56 11.75 10.62 21.55
N ASP A 57 11.57 11.94 21.55
CA ASP A 57 12.58 12.87 21.09
C ASP A 57 12.60 14.10 22.00
N ALA A 58 13.79 14.60 22.31
CA ALA A 58 13.91 15.65 23.31
C ALA A 58 13.43 17.02 22.82
N ASP A 59 13.58 17.33 21.53
CA ASP A 59 13.38 18.69 21.06
C ASP A 59 12.38 18.88 19.93
N ASN A 60 11.69 17.83 19.49
CA ASN A 60 10.67 17.91 18.45
C ASN A 60 11.26 18.22 17.08
N GLN A 61 12.57 18.01 16.92
CA GLN A 61 13.25 18.13 15.63
C GLN A 61 13.83 16.77 15.30
N PHE A 62 13.59 16.30 14.08
CA PHE A 62 13.87 14.91 13.71
C PHE A 62 14.75 14.88 12.46
N PHE A 63 15.96 15.44 12.59
CA PHE A 63 16.89 15.56 11.48
C PHE A 63 18.08 14.61 11.55
N ALA A 64 18.14 13.73 12.55
CA ALA A 64 19.22 12.76 12.61
C ALA A 64 18.97 11.65 11.60
N SER A 65 20.06 11.06 11.10
CA SER A 65 19.92 9.94 10.18
C SER A 65 19.04 8.85 10.78
N TYR A 66 19.23 8.55 12.07
CA TYR A 66 18.45 7.50 12.71
C TYR A 66 16.97 7.83 12.74
N ASP A 67 16.63 9.13 12.73
CA ASP A 67 15.23 9.55 12.77
C ASP A 67 14.50 9.34 11.46
N ALA A 68 15.23 9.33 10.34
CA ALA A 68 14.57 9.43 9.03
C ALA A 68 13.54 8.34 8.78
N PRO A 69 13.78 7.07 9.07
CA PRO A 69 12.74 6.06 8.80
C PRO A 69 11.49 6.29 9.63
N ALA A 70 11.66 6.83 10.83
CA ALA A 70 10.52 7.08 11.71
C ALA A 70 9.68 8.24 11.19
N VAL A 71 10.34 9.31 10.76
CA VAL A 71 9.65 10.44 10.16
C VAL A 71 8.76 9.98 9.02
N ASP A 72 9.30 9.15 8.12
CA ASP A 72 8.52 8.75 6.94
C ASP A 72 7.43 7.74 7.28
N ALA A 73 7.71 6.78 8.17
CA ALA A 73 6.66 5.84 8.55
C ALA A 73 5.48 6.58 9.14
N HIS A 74 5.78 7.57 9.98
CA HIS A 74 4.75 8.33 10.67
C HIS A 74 3.99 9.22 9.70
N TYR A 75 4.72 9.97 8.87
CA TYR A 75 4.10 10.91 7.94
C TYR A 75 3.27 10.17 6.89
N TYR A 76 3.85 9.11 6.29
CA TYR A 76 3.13 8.41 5.22
C TYR A 76 1.95 7.62 5.76
N ALA A 77 2.00 7.16 7.01
CA ALA A 77 0.80 6.58 7.60
C ALA A 77 -0.30 7.62 7.67
N GLY A 78 0.05 8.87 8.00
CA GLY A 78 -0.93 9.94 8.01
C GLY A 78 -1.52 10.21 6.64
N VAL A 79 -0.67 10.25 5.62
CA VAL A 79 -1.18 10.48 4.27
C VAL A 79 -2.12 9.36 3.85
N THR A 80 -1.77 8.12 4.18
CA THR A 80 -2.61 6.98 3.83
C THR A 80 -3.94 7.05 4.57
N TYR A 81 -3.92 7.41 5.85
CA TYR A 81 -5.16 7.65 6.58
C TYR A 81 -6.01 8.71 5.88
N ASP A 82 -5.38 9.81 5.47
CA ASP A 82 -6.13 10.87 4.81
C ASP A 82 -6.74 10.37 3.51
N TYR A 83 -5.99 9.57 2.73
CA TYR A 83 -6.52 9.03 1.49
C TYR A 83 -7.79 8.23 1.77
N TYR A 84 -7.72 7.27 2.69
CA TYR A 84 -8.89 6.42 2.92
C TYR A 84 -10.08 7.23 3.45
N LYS A 85 -9.83 8.22 4.31
CA LYS A 85 -10.92 9.03 4.86
C LYS A 85 -11.52 9.95 3.82
N ASN A 86 -10.69 10.70 3.09
CA ASN A 86 -11.20 11.72 2.18
C ASN A 86 -11.70 11.14 0.88
N VAL A 87 -11.11 10.03 0.42
CA VAL A 87 -11.45 9.48 -0.87
C VAL A 87 -12.50 8.38 -0.76
N HIS A 88 -12.47 7.58 0.31
CA HIS A 88 -13.39 6.45 0.44
C HIS A 88 -14.27 6.50 1.67
N ASN A 89 -14.22 7.58 2.46
CA ASN A 89 -15.02 7.72 3.66
C ASN A 89 -14.76 6.56 4.63
N ARG A 90 -13.52 6.08 4.67
CA ARG A 90 -13.15 5.01 5.59
C ARG A 90 -12.24 5.58 6.67
N LEU A 91 -12.61 5.32 7.92
CA LEU A 91 -11.89 5.82 9.09
C LEU A 91 -10.94 4.75 9.60
N SER A 92 -9.66 4.90 9.24
CA SER A 92 -8.62 3.93 9.55
C SER A 92 -8.89 2.55 8.94
N TYR A 93 -8.06 1.57 9.31
CA TYR A 93 -8.13 0.28 8.61
C TYR A 93 -9.36 -0.53 8.99
N ASP A 94 -9.89 -0.37 10.20
CA ASP A 94 -11.07 -1.10 10.61
C ASP A 94 -12.37 -0.34 10.37
N GLY A 95 -12.31 0.87 9.82
CA GLY A 95 -13.50 1.69 9.64
C GLY A 95 -14.02 2.35 10.90
N ASN A 96 -13.35 2.13 12.04
CA ASN A 96 -13.74 2.70 13.33
C ASN A 96 -12.58 3.45 13.97
N ASN A 97 -11.68 3.99 13.15
CA ASN A 97 -10.59 4.83 13.64
C ASN A 97 -9.61 4.10 14.55
N ALA A 98 -9.37 2.81 14.30
CA ALA A 98 -8.35 2.09 15.05
C ALA A 98 -7.02 2.84 15.00
N ALA A 99 -6.34 2.83 16.14
CA ALA A 99 -4.98 3.37 16.20
C ALA A 99 -4.08 2.64 15.20
N ILE A 100 -3.23 3.41 14.52
CA ILE A 100 -2.31 2.87 13.52
C ILE A 100 -0.91 2.87 14.13
N ARG A 101 -0.32 1.68 14.23
CA ARG A 101 0.99 1.52 14.86
C ARG A 101 1.99 1.02 13.84
N SER A 102 3.19 1.63 13.85
CA SER A 102 4.30 1.25 13.00
C SER A 102 5.56 1.15 13.84
N SER A 103 6.41 0.17 13.53
CA SER A 103 7.76 0.11 14.08
C SER A 103 8.79 0.19 12.97
N VAL A 104 9.86 0.95 13.23
CA VAL A 104 10.97 1.10 12.31
C VAL A 104 12.24 0.58 12.97
N HIS A 105 13.32 0.52 12.18
CA HIS A 105 14.57 -0.11 12.61
C HIS A 105 14.33 -1.54 13.07
N TYR A 106 13.48 -2.26 12.35
CA TYR A 106 13.25 -3.67 12.65
C TYR A 106 14.42 -4.51 12.17
N SER A 107 15.01 -5.25 13.10
CA SER A 107 16.10 -6.18 12.81
C SER A 107 17.33 -5.45 12.27
N GLN A 108 18.25 -6.22 11.68
CA GLN A 108 19.48 -5.69 11.10
C GLN A 108 19.52 -6.04 9.63
N GLY A 109 19.73 -5.02 8.79
CA GLY A 109 19.85 -5.25 7.35
C GLY A 109 18.64 -5.89 6.73
N TYR A 110 17.45 -5.62 7.24
CA TYR A 110 16.24 -6.36 6.87
C TYR A 110 15.62 -5.72 5.62
N ASN A 111 15.59 -6.48 4.53
CA ASN A 111 15.15 -6.02 3.22
C ASN A 111 13.66 -6.24 3.02
N ASN A 112 12.83 -5.81 3.97
CA ASN A 112 11.40 -6.00 3.80
C ASN A 112 10.64 -5.10 4.79
N ALA A 113 9.31 -5.16 4.66
CA ALA A 113 8.36 -4.49 5.52
C ALA A 113 7.10 -5.34 5.48
N PHE A 114 6.28 -5.25 6.52
CA PHE A 114 5.11 -6.13 6.60
C PHE A 114 4.08 -5.60 7.58
N TRP A 115 2.87 -6.13 7.43
CA TRP A 115 1.79 -6.00 8.39
C TRP A 115 1.69 -7.35 9.11
N ASN A 116 1.81 -7.33 10.44
CA ASN A 116 1.93 -8.57 11.20
C ASN A 116 0.63 -9.04 11.81
N GLY A 117 -0.50 -8.52 11.34
CA GLY A 117 -1.80 -8.77 11.91
C GLY A 117 -2.28 -7.69 12.86
N SER A 118 -1.35 -6.86 13.36
CA SER A 118 -1.64 -5.83 14.35
C SER A 118 -0.97 -4.49 14.09
N GLN A 119 0.11 -4.44 13.31
CA GLN A 119 0.89 -3.23 13.12
C GLN A 119 1.75 -3.37 11.88
N MET A 120 2.28 -2.24 11.43
N MET A 120 2.25 -2.24 11.39
CA MET A 120 3.23 -2.20 10.33
CA MET A 120 3.23 -2.20 10.33
C MET A 120 4.65 -2.24 10.89
C MET A 120 4.63 -2.30 10.91
N VAL A 121 5.54 -2.86 10.12
CA VAL A 121 6.93 -3.09 10.54
C VAL A 121 7.84 -2.82 9.35
N TYR A 122 8.91 -2.06 9.56
CA TYR A 122 9.80 -1.66 8.46
C TYR A 122 11.25 -1.98 8.80
N GLY A 123 11.89 -2.74 7.92
CA GLY A 123 13.34 -2.87 7.98
C GLY A 123 14.04 -1.64 7.48
N ASP A 124 15.34 -1.58 7.75
CA ASP A 124 16.21 -0.53 7.24
C ASP A 124 16.83 -0.87 5.90
N GLY A 125 16.67 -2.11 5.45
CA GLY A 125 17.40 -2.57 4.28
C GLY A 125 18.87 -2.80 4.58
N ASP A 126 19.57 -3.43 3.64
CA ASP A 126 21.00 -3.63 3.80
C ASP A 126 21.85 -2.53 3.16
N GLY A 127 21.20 -1.50 2.65
CA GLY A 127 21.90 -0.38 2.05
C GLY A 127 22.25 -0.58 0.59
N GLN A 128 22.06 -1.78 0.06
CA GLN A 128 22.36 -2.10 -1.33
C GLN A 128 21.11 -2.51 -2.09
N THR A 129 20.38 -3.50 -1.57
CA THR A 129 19.10 -3.90 -2.15
C THR A 129 18.01 -2.88 -1.82
N PHE A 130 17.99 -2.41 -0.56
CA PHE A 130 17.03 -1.43 -0.10
C PHE A 130 17.70 -0.45 0.85
N ILE A 131 17.14 0.77 0.87
CA ILE A 131 17.30 1.72 1.98
C ILE A 131 16.04 1.60 2.83
N PRO A 132 15.93 2.31 3.96
CA PRO A 132 14.82 2.02 4.88
C PRO A 132 13.46 2.11 4.19
N LEU A 133 12.65 1.06 4.39
CA LEU A 133 11.55 0.83 3.48
C LEU A 133 10.38 1.79 3.69
N SER A 134 10.31 2.45 4.85
CA SER A 134 9.30 3.46 5.02
C SER A 134 9.53 4.70 4.17
N GLY A 135 10.68 4.80 3.48
CA GLY A 135 10.90 5.90 2.57
C GLY A 135 10.01 5.88 1.35
N GLY A 136 9.31 4.79 1.09
CA GLY A 136 8.45 4.67 -0.06
C GLY A 136 7.00 4.81 0.36
N ILE A 137 6.34 5.86 -0.12
CA ILE A 137 4.94 6.05 0.24
C ILE A 137 4.10 4.88 -0.28
N ASP A 138 4.44 4.35 -1.46
CA ASP A 138 3.71 3.19 -1.97
C ASP A 138 3.89 1.97 -1.07
N VAL A 139 5.08 1.82 -0.47
CA VAL A 139 5.33 0.74 0.47
C VAL A 139 4.48 0.89 1.72
N VAL A 140 4.49 2.08 2.32
CA VAL A 140 3.71 2.33 3.54
C VAL A 140 2.23 2.08 3.26
N ALA A 141 1.70 2.64 2.18
CA ALA A 141 0.29 2.45 1.88
C ALA A 141 -0.04 1.00 1.50
N HIS A 142 0.87 0.30 0.83
CA HIS A 142 0.72 -1.14 0.59
C HIS A 142 0.54 -1.88 1.91
N GLU A 143 1.37 -1.58 2.91
CA GLU A 143 1.28 -2.29 4.17
C GLU A 143 -0.01 -1.95 4.91
N LEU A 144 -0.37 -0.67 4.98
CA LEU A 144 -1.62 -0.33 5.67
C LEU A 144 -2.81 -0.91 4.93
N THR A 145 -2.72 -1.05 3.61
CA THR A 145 -3.81 -1.65 2.86
C THR A 145 -3.99 -3.12 3.20
N HIS A 146 -2.92 -3.84 3.55
CA HIS A 146 -3.10 -5.21 4.06
C HIS A 146 -4.03 -5.21 5.28
N ALA A 147 -3.92 -4.22 6.15
CA ALA A 147 -4.82 -4.14 7.30
C ALA A 147 -6.25 -3.91 6.84
N VAL A 148 -6.46 -2.99 5.89
CA VAL A 148 -7.80 -2.76 5.34
C VAL A 148 -8.38 -4.06 4.79
N THR A 149 -7.60 -4.77 3.97
CA THR A 149 -8.07 -6.03 3.42
C THR A 149 -8.43 -7.02 4.52
N ASP A 150 -7.59 -7.13 5.54
CA ASP A 150 -7.83 -8.13 6.57
C ASP A 150 -9.14 -7.87 7.30
N TYR A 151 -9.51 -6.60 7.45
CA TYR A 151 -10.76 -6.21 8.12
C TYR A 151 -11.97 -6.21 7.21
N THR A 152 -11.78 -6.38 5.90
CA THR A 152 -12.86 -6.32 4.93
C THR A 152 -12.95 -7.67 4.25
N ALA A 153 -12.44 -7.80 3.03
CA ALA A 153 -12.59 -9.06 2.30
C ALA A 153 -11.94 -10.23 3.02
N GLY A 154 -10.82 -10.00 3.70
CA GLY A 154 -10.18 -11.08 4.44
C GLY A 154 -9.50 -12.10 3.58
N LEU A 155 -9.08 -11.72 2.37
CA LEU A 155 -8.45 -12.61 1.43
C LEU A 155 -7.31 -13.38 2.08
N ILE A 156 -7.38 -14.72 2.03
CA ILE A 156 -6.33 -15.52 2.62
C ILE A 156 -5.06 -15.39 1.80
N TYR A 157 -3.92 -15.50 2.47
N TYR A 157 -3.92 -15.47 2.47
CA TYR A 157 -2.65 -15.13 1.86
CA TYR A 157 -2.61 -15.11 1.92
C TYR A 157 -1.97 -16.34 1.21
C TYR A 157 -1.94 -16.25 1.14
N GLN A 158 -2.65 -16.90 0.23
CA GLN A 158 -2.07 -17.97 -0.57
C GLN A 158 -2.82 -18.06 -1.89
N ASN A 159 -2.10 -18.50 -2.92
CA ASN A 159 -2.69 -18.84 -4.23
C ASN A 159 -3.44 -17.62 -4.78
N GLU A 160 -4.56 -17.80 -5.48
CA GLU A 160 -5.16 -16.67 -6.18
C GLU A 160 -5.71 -15.63 -5.21
N SER A 161 -6.30 -16.07 -4.08
N SER A 161 -6.32 -16.08 -4.09
CA SER A 161 -6.81 -15.08 -3.13
CA SER A 161 -6.79 -15.14 -3.09
C SER A 161 -5.67 -14.25 -2.54
C SER A 161 -5.65 -14.25 -2.61
N GLY A 162 -4.49 -14.85 -2.34
CA GLY A 162 -3.36 -14.10 -1.85
C GLY A 162 -2.79 -13.16 -2.89
N ALA A 163 -2.82 -13.56 -4.16
CA ALA A 163 -2.40 -12.67 -5.23
C ALA A 163 -3.35 -11.49 -5.37
N ILE A 164 -4.65 -11.69 -5.13
CA ILE A 164 -5.58 -10.56 -5.09
C ILE A 164 -5.25 -9.66 -3.91
N ASN A 165 -5.03 -10.26 -2.74
CA ASN A 165 -4.63 -9.50 -1.56
C ASN A 165 -3.44 -8.60 -1.89
N GLU A 166 -2.41 -9.18 -2.51
CA GLU A 166 -1.23 -8.42 -2.91
C GLU A 166 -1.56 -7.31 -3.89
N ALA A 167 -2.34 -7.62 -4.92
CA ALA A 167 -2.66 -6.61 -5.94
C ALA A 167 -3.46 -5.46 -5.33
N ILE A 168 -4.38 -5.75 -4.42
CA ILE A 168 -5.12 -4.70 -3.72
C ILE A 168 -4.15 -3.74 -3.03
N SER A 169 -3.13 -4.30 -2.35
CA SER A 169 -2.14 -3.46 -1.69
C SER A 169 -1.29 -2.66 -2.69
N ASP A 170 -0.95 -3.24 -3.84
CA ASP A 170 -0.20 -2.48 -4.84
C ASP A 170 -1.07 -1.40 -5.48
N ILE A 171 -2.33 -1.71 -5.75
CA ILE A 171 -3.25 -0.75 -6.34
C ILE A 171 -3.43 0.45 -5.43
N PHE A 172 -3.81 0.20 -4.17
CA PHE A 172 -4.04 1.33 -3.27
C PHE A 172 -2.73 1.99 -2.85
N GLY A 173 -1.63 1.24 -2.77
CA GLY A 173 -0.35 1.89 -2.54
C GLY A 173 -0.05 2.89 -3.64
N THR A 174 -0.33 2.53 -4.88
CA THR A 174 -0.12 3.42 -6.01
C THR A 174 -1.11 4.59 -6.01
N LEU A 175 -2.37 4.33 -5.68
CA LEU A 175 -3.35 5.42 -5.65
C LEU A 175 -3.01 6.41 -4.54
N VAL A 176 -2.47 5.94 -3.41
CA VAL A 176 -2.01 6.87 -2.38
C VAL A 176 -0.82 7.68 -2.88
N GLU A 177 0.11 7.04 -3.59
CA GLU A 177 1.24 7.76 -4.16
C GLU A 177 0.76 8.87 -5.09
N PHE A 178 -0.23 8.59 -5.94
CA PHE A 178 -0.79 9.64 -6.79
C PHE A 178 -1.50 10.71 -5.96
N TYR A 179 -2.21 10.31 -4.90
CA TYR A 179 -2.89 11.27 -4.04
C TYR A 179 -1.91 12.29 -3.46
N ALA A 180 -0.75 11.82 -3.00
CA ALA A 180 0.25 12.72 -2.44
C ALA A 180 0.95 13.52 -3.52
N ASN A 181 0.96 13.00 -4.75
CA ASN A 181 1.36 13.75 -5.94
C ASN A 181 2.83 14.15 -5.92
N LYS A 182 3.70 13.29 -5.39
CA LYS A 182 5.14 13.49 -5.46
C LYS A 182 5.73 12.35 -6.27
N ASN A 183 6.19 12.66 -7.47
CA ASN A 183 6.78 11.68 -8.38
C ASN A 183 5.94 10.41 -8.51
N PRO A 184 4.65 10.52 -8.80
CA PRO A 184 3.81 9.32 -8.84
C PRO A 184 4.05 8.50 -10.10
N ASP A 185 3.84 7.20 -9.97
CA ASP A 185 4.04 6.26 -11.07
C ASP A 185 3.26 5.00 -10.76
N TRP A 186 3.28 4.05 -11.70
CA TRP A 186 2.65 2.75 -11.57
C TRP A 186 3.68 1.66 -11.24
N GLU A 187 4.82 2.04 -10.67
CA GLU A 187 5.85 1.12 -10.22
C GLU A 187 5.77 1.01 -8.70
N ILE A 188 6.33 -0.08 -8.16
CA ILE A 188 6.23 -0.35 -6.72
C ILE A 188 7.64 -0.33 -6.13
N GLY A 189 7.87 0.55 -5.16
CA GLY A 189 9.09 0.52 -4.38
C GLY A 189 10.26 1.26 -4.95
N GLU A 190 10.07 2.02 -6.03
CA GLU A 190 11.17 2.69 -6.70
C GLU A 190 11.93 3.64 -5.79
N ASP A 191 11.28 4.20 -4.75
CA ASP A 191 11.97 5.20 -3.94
C ASP A 191 12.93 4.60 -2.93
N VAL A 192 12.83 3.30 -2.65
CA VAL A 192 13.69 2.65 -1.67
C VAL A 192 14.50 1.49 -2.21
N TYR A 193 14.25 1.06 -3.44
CA TYR A 193 14.95 -0.08 -4.02
C TYR A 193 16.23 0.34 -4.70
N THR A 194 17.30 -0.43 -4.47
CA THR A 194 18.59 -0.33 -5.17
C THR A 194 19.06 1.12 -5.31
N PRO A 195 19.55 1.72 -4.24
CA PRO A 195 20.09 3.08 -4.34
C PRO A 195 21.18 3.26 -5.39
N GLY A 196 21.87 2.19 -5.79
CA GLY A 196 22.89 2.23 -6.82
C GLY A 196 22.42 2.09 -8.25
N ILE A 197 21.12 1.89 -8.48
CA ILE A 197 20.57 1.67 -9.81
C ILE A 197 19.37 2.59 -9.99
N SER A 198 19.43 3.50 -10.97
CA SER A 198 18.30 4.40 -11.19
C SER A 198 17.30 3.76 -12.14
N GLY A 199 16.02 4.09 -11.93
CA GLY A 199 14.98 3.77 -12.89
C GLY A 199 14.36 2.40 -12.74
N ASP A 200 14.73 1.65 -11.71
CA ASP A 200 14.16 0.34 -11.50
C ASP A 200 13.19 0.39 -10.31
N SER A 201 12.59 -0.76 -10.04
CA SER A 201 11.64 -0.90 -8.96
C SER A 201 11.48 -2.38 -8.68
N LEU A 202 10.65 -2.70 -7.69
CA LEU A 202 10.47 -4.09 -7.30
C LEU A 202 9.46 -4.79 -8.17
N ARG A 203 8.39 -4.09 -8.53
CA ARG A 203 7.36 -4.59 -9.41
C ARG A 203 6.87 -3.43 -10.26
N SER A 204 6.28 -3.74 -11.41
CA SER A 204 5.59 -2.77 -12.24
C SER A 204 4.15 -3.20 -12.41
N MET A 205 3.22 -2.24 -12.27
CA MET A 205 1.83 -2.51 -12.59
C MET A 205 1.55 -2.31 -14.08
N SER A 206 2.22 -1.34 -14.70
CA SER A 206 1.96 -1.04 -16.11
C SER A 206 2.56 -2.09 -17.03
N ASP A 207 3.64 -2.72 -16.61
CA ASP A 207 4.29 -3.78 -17.41
C ASP A 207 4.92 -4.77 -16.44
N PRO A 208 4.10 -5.60 -15.79
CA PRO A 208 4.65 -6.55 -14.80
C PRO A 208 5.77 -7.41 -15.33
N ALA A 209 5.73 -7.70 -16.63
CA ALA A 209 6.72 -8.60 -17.22
C ALA A 209 8.10 -7.97 -17.28
N LYS A 210 8.18 -6.65 -17.12
CA LYS A 210 9.48 -5.97 -17.05
C LYS A 210 10.36 -6.61 -15.99
N TYR A 211 9.76 -7.07 -14.89
CA TYR A 211 10.48 -7.74 -13.82
C TYR A 211 10.14 -9.21 -13.71
N GLY A 212 9.58 -9.81 -14.77
CA GLY A 212 9.31 -11.23 -14.81
C GLY A 212 7.96 -11.65 -14.25
N ASP A 213 7.14 -10.73 -13.84
CA ASP A 213 5.84 -11.15 -13.32
C ASP A 213 4.83 -11.28 -14.45
N PRO A 214 3.89 -12.21 -14.34
CA PRO A 214 2.96 -12.46 -15.43
C PRO A 214 1.99 -11.30 -15.64
N ASP A 215 1.61 -11.12 -16.90
CA ASP A 215 0.65 -10.10 -17.32
C ASP A 215 -0.53 -10.72 -18.05
N HIS A 216 -0.71 -12.03 -17.90
CA HIS A 216 -1.79 -12.76 -18.54
C HIS A 216 -1.98 -14.03 -17.73
N TYR A 217 -3.24 -14.45 -17.58
CA TYR A 217 -3.55 -15.62 -16.78
C TYR A 217 -2.86 -16.87 -17.30
N SER A 218 -2.66 -16.97 -18.62
CA SER A 218 -2.00 -18.15 -19.16
C SER A 218 -0.57 -18.28 -18.69
N LYS A 219 0.03 -17.20 -18.17
CA LYS A 219 1.41 -17.18 -17.71
C LYS A 219 1.51 -17.25 -16.20
N ARG A 220 0.40 -17.57 -15.53
CA ARG A 220 0.42 -17.58 -14.07
C ARG A 220 1.38 -18.64 -13.54
N TYR A 221 1.97 -18.34 -12.39
CA TYR A 221 2.78 -19.29 -11.65
C TYR A 221 1.88 -20.25 -10.91
N THR A 222 2.19 -21.55 -11.00
CA THR A 222 1.34 -22.59 -10.46
C THR A 222 2.01 -23.40 -9.36
N GLY A 223 3.23 -23.06 -8.97
CA GLY A 223 3.96 -23.79 -7.94
C GLY A 223 3.70 -23.24 -6.55
N THR A 224 4.59 -23.61 -5.62
CA THR A 224 4.37 -23.37 -4.20
C THR A 224 5.23 -22.26 -3.62
N GLN A 225 6.24 -21.78 -4.35
CA GLN A 225 7.06 -20.69 -3.84
C GLN A 225 6.18 -19.47 -3.59
N ASP A 226 6.59 -18.63 -2.65
CA ASP A 226 5.94 -17.35 -2.41
C ASP A 226 4.45 -17.53 -2.09
N ASN A 227 4.15 -18.55 -1.27
CA ASN A 227 2.77 -18.85 -0.88
C ASN A 227 1.87 -19.08 -2.08
N GLY A 228 2.41 -19.76 -3.09
CA GLY A 228 1.69 -19.93 -4.33
C GLY A 228 1.73 -18.72 -5.25
N GLY A 229 2.82 -17.97 -5.22
CA GLY A 229 3.00 -16.86 -6.15
C GLY A 229 2.25 -15.57 -5.84
N VAL A 230 2.05 -15.24 -4.56
CA VAL A 230 1.21 -14.08 -4.27
C VAL A 230 1.80 -12.78 -4.78
N HIS A 231 3.14 -12.62 -4.77
CA HIS A 231 3.80 -11.43 -5.30
C HIS A 231 4.12 -11.54 -6.77
N ILE A 232 3.77 -12.67 -7.37
CA ILE A 232 4.03 -12.97 -8.77
C ILE A 232 2.76 -12.84 -9.58
N ASN A 233 1.75 -13.65 -9.25
CA ASN A 233 0.46 -13.59 -9.93
C ASN A 233 -0.32 -12.32 -9.65
N SER A 234 0.09 -11.54 -8.65
CA SER A 234 -0.48 -10.20 -8.50
C SER A 234 -0.29 -9.36 -9.75
N GLY A 235 0.73 -9.68 -10.58
CA GLY A 235 0.95 -8.93 -11.79
C GLY A 235 -0.22 -8.97 -12.75
N ILE A 236 -0.96 -10.09 -12.76
CA ILE A 236 -2.10 -10.23 -13.65
C ILE A 236 -3.19 -9.23 -13.27
N ILE A 237 -3.47 -9.10 -11.97
CA ILE A 237 -4.49 -8.18 -11.49
C ILE A 237 -3.97 -6.74 -11.54
N ASN A 238 -2.70 -6.53 -11.21
CA ASN A 238 -2.12 -5.19 -11.30
C ASN A 238 -2.23 -4.66 -12.72
N LYS A 239 -1.96 -5.52 -13.70
CA LYS A 239 -2.08 -5.09 -15.09
C LYS A 239 -3.51 -4.75 -15.45
N ALA A 240 -4.47 -5.56 -14.99
CA ALA A 240 -5.88 -5.26 -15.24
C ALA A 240 -6.27 -3.93 -14.65
N ALA A 241 -5.84 -3.66 -13.41
CA ALA A 241 -6.16 -2.38 -12.77
C ALA A 241 -5.54 -1.22 -13.54
N TYR A 242 -4.28 -1.37 -13.92
CA TYR A 242 -3.63 -0.34 -14.73
C TYR A 242 -4.41 -0.08 -16.02
N LEU A 243 -4.85 -1.13 -16.69
CA LEU A 243 -5.60 -0.94 -17.92
C LEU A 243 -6.93 -0.24 -17.67
N ILE A 244 -7.63 -0.63 -16.61
CA ILE A 244 -8.90 0.03 -16.29
C ILE A 244 -8.68 1.53 -16.15
N SER A 245 -7.61 1.93 -15.44
CA SER A 245 -7.38 3.34 -15.20
C SER A 245 -6.85 4.05 -16.45
N GLN A 246 -5.79 3.52 -17.04
CA GLN A 246 -5.03 4.24 -18.05
C GLN A 246 -5.34 3.82 -19.48
N GLY A 247 -5.99 2.67 -19.67
CA GLY A 247 -6.28 2.17 -20.99
C GLY A 247 -5.07 1.51 -21.64
N GLY A 248 -5.34 0.87 -22.77
CA GLY A 248 -4.30 0.26 -23.57
C GLY A 248 -4.84 -0.93 -24.34
N THR A 249 -4.05 -1.38 -25.29
CA THR A 249 -4.34 -2.60 -26.02
C THR A 249 -3.28 -3.61 -25.63
N HIS A 250 -3.73 -4.74 -25.07
CA HIS A 250 -2.85 -5.70 -24.44
C HIS A 250 -3.27 -7.08 -24.91
N TYR A 251 -2.32 -7.84 -25.45
CA TYR A 251 -2.60 -9.10 -26.14
C TYR A 251 -3.76 -8.94 -27.12
N GLY A 252 -3.80 -7.81 -27.81
CA GLY A 252 -4.78 -7.56 -28.85
C GLY A 252 -6.14 -7.12 -28.37
N VAL A 253 -6.33 -6.91 -27.08
CA VAL A 253 -7.61 -6.51 -26.50
C VAL A 253 -7.51 -5.06 -26.08
N SER A 254 -8.40 -4.21 -26.61
CA SER A 254 -8.35 -2.78 -26.36
C SER A 254 -9.20 -2.39 -25.16
N VAL A 255 -8.64 -1.56 -24.28
CA VAL A 255 -9.30 -1.09 -23.07
C VAL A 255 -9.31 0.43 -23.07
N VAL A 256 -10.49 1.02 -22.92
CA VAL A 256 -10.60 2.47 -22.77
C VAL A 256 -10.45 2.81 -21.28
N GLY A 257 -9.44 3.62 -20.96
CA GLY A 257 -9.22 3.97 -19.58
C GLY A 257 -10.31 4.87 -19.02
N ILE A 258 -10.56 4.74 -17.73
CA ILE A 258 -11.58 5.54 -17.04
C ILE A 258 -10.99 6.38 -15.92
N GLY A 259 -9.68 6.28 -15.69
CA GLY A 259 -9.00 7.14 -14.74
C GLY A 259 -8.86 6.52 -13.37
N ARG A 260 -7.92 7.08 -12.59
CA ARG A 260 -7.54 6.53 -11.30
C ARG A 260 -8.66 6.61 -10.29
N ASP A 261 -9.39 7.72 -10.27
N ASP A 261 -9.39 7.72 -10.24
CA ASP A 261 -10.42 7.89 -9.25
CA ASP A 261 -10.44 7.86 -9.22
C ASP A 261 -11.53 6.84 -9.40
C ASP A 261 -11.48 6.76 -9.40
N LYS A 262 -11.93 6.54 -10.63
CA LYS A 262 -12.93 5.50 -10.85
C LYS A 262 -12.37 4.10 -10.61
N LEU A 263 -11.11 3.84 -11.00
CA LEU A 263 -10.47 2.59 -10.61
C LEU A 263 -10.57 2.39 -9.11
N GLY A 264 -10.22 3.42 -8.35
CA GLY A 264 -10.23 3.32 -6.90
C GLY A 264 -11.61 3.06 -6.35
N LYS A 265 -12.63 3.74 -6.91
CA LYS A 265 -13.99 3.53 -6.42
C LYS A 265 -14.46 2.11 -6.70
N ILE A 266 -14.15 1.59 -7.89
CA ILE A 266 -14.60 0.26 -8.27
C ILE A 266 -13.92 -0.80 -7.42
N PHE A 267 -12.60 -0.70 -7.25
CA PHE A 267 -11.89 -1.71 -6.47
C PHE A 267 -12.16 -1.57 -4.98
N TYR A 268 -12.37 -0.35 -4.47
CA TYR A 268 -12.70 -0.21 -3.06
C TYR A 268 -14.05 -0.87 -2.79
N ARG A 269 -15.02 -0.64 -3.67
CA ARG A 269 -16.32 -1.28 -3.50
C ARG A 269 -16.21 -2.79 -3.62
N ALA A 270 -15.43 -3.28 -4.58
CA ALA A 270 -15.26 -4.73 -4.70
C ALA A 270 -14.66 -5.31 -3.42
N LEU A 271 -13.63 -4.65 -2.88
CA LEU A 271 -12.94 -5.11 -1.69
C LEU A 271 -13.87 -5.17 -0.49
N THR A 272 -14.73 -4.16 -0.34
CA THR A 272 -15.50 -3.99 0.89
C THR A 272 -16.91 -4.55 0.81
N GLN A 273 -17.42 -4.86 -0.38
CA GLN A 273 -18.78 -5.37 -0.53
C GLN A 273 -18.88 -6.77 -1.10
N TYR A 274 -17.91 -7.22 -1.92
CA TYR A 274 -18.14 -8.43 -2.70
C TYR A 274 -17.08 -9.50 -2.53
N LEU A 275 -15.81 -9.14 -2.33
CA LEU A 275 -14.78 -10.16 -2.20
C LEU A 275 -14.90 -10.88 -0.85
N THR A 276 -14.49 -12.15 -0.85
CA THR A 276 -14.52 -13.01 0.32
C THR A 276 -13.12 -13.58 0.54
N PRO A 277 -12.91 -14.26 1.66
CA PRO A 277 -11.56 -14.76 1.97
C PRO A 277 -11.00 -15.70 0.92
N THR A 278 -11.83 -16.44 0.19
CA THR A 278 -11.35 -17.41 -0.78
C THR A 278 -11.63 -17.03 -2.22
N SER A 279 -11.92 -15.76 -2.49
CA SER A 279 -12.18 -15.34 -3.86
C SER A 279 -11.00 -15.65 -4.77
N ASN A 280 -11.29 -16.14 -5.96
CA ASN A 280 -10.29 -16.35 -6.99
C ASN A 280 -10.37 -15.23 -8.02
N PHE A 281 -9.51 -15.30 -9.04
CA PHE A 281 -9.44 -14.22 -10.03
C PHE A 281 -10.77 -14.04 -10.75
N SER A 282 -11.40 -15.14 -11.15
CA SER A 282 -12.68 -15.06 -11.85
C SER A 282 -13.73 -14.39 -10.96
N GLN A 283 -13.69 -14.68 -9.67
CA GLN A 283 -14.62 -14.04 -8.75
C GLN A 283 -14.30 -12.58 -8.55
N LEU A 284 -13.02 -12.20 -8.61
CA LEU A 284 -12.67 -10.78 -8.58
C LEU A 284 -13.23 -10.05 -9.80
N ARG A 285 -13.13 -10.66 -10.98
CA ARG A 285 -13.73 -10.02 -12.15
C ARG A 285 -15.22 -9.77 -11.91
N ALA A 286 -15.91 -10.77 -11.38
CA ALA A 286 -17.35 -10.61 -11.15
C ALA A 286 -17.60 -9.50 -10.12
N ALA A 287 -16.78 -9.44 -9.07
CA ALA A 287 -16.92 -8.41 -8.06
C ALA A 287 -16.69 -7.03 -8.65
N ALA A 288 -15.69 -6.90 -9.52
CA ALA A 288 -15.40 -5.60 -10.13
C ALA A 288 -16.49 -5.20 -11.10
N VAL A 289 -17.01 -6.15 -11.88
CA VAL A 289 -18.09 -5.85 -12.81
C VAL A 289 -19.32 -5.37 -12.04
N GLN A 290 -19.66 -6.07 -10.96
CA GLN A 290 -20.82 -5.68 -10.17
C GLN A 290 -20.60 -4.32 -9.52
N SER A 291 -19.41 -4.08 -9.00
CA SER A 291 -19.12 -2.79 -8.36
C SER A 291 -19.29 -1.66 -9.36
N ALA A 292 -18.71 -1.81 -10.56
CA ALA A 292 -18.85 -0.78 -11.57
C ALA A 292 -20.31 -0.60 -11.98
N THR A 293 -21.08 -1.70 -12.01
CA THR A 293 -22.50 -1.60 -12.33
C THR A 293 -23.23 -0.79 -11.26
N ASP A 294 -22.98 -1.10 -9.98
CA ASP A 294 -23.60 -0.36 -8.88
C ASP A 294 -23.32 1.14 -9.00
N LEU A 295 -22.08 1.50 -9.35
CA LEU A 295 -21.66 2.90 -9.29
C LEU A 295 -22.03 3.66 -10.54
N TYR A 296 -22.02 3.01 -11.70
CA TYR A 296 -22.08 3.72 -12.97
C TYR A 296 -23.15 3.20 -13.93
N GLY A 297 -23.76 2.06 -13.66
CA GLY A 297 -24.81 1.55 -14.50
C GLY A 297 -24.33 0.44 -15.43
N SER A 298 -25.22 -0.50 -15.72
CA SER A 298 -24.83 -1.69 -16.45
C SER A 298 -24.38 -1.39 -17.88
N THR A 299 -24.88 -0.33 -18.50
CA THR A 299 -24.50 0.02 -19.87
C THR A 299 -23.38 1.04 -19.92
N SER A 300 -22.73 1.32 -18.80
CA SER A 300 -21.75 2.39 -18.72
C SER A 300 -20.44 1.97 -19.40
N GLN A 301 -19.67 2.99 -19.79
CA GLN A 301 -18.30 2.75 -20.24
C GLN A 301 -17.45 2.11 -19.14
N GLU A 302 -17.69 2.49 -17.90
CA GLU A 302 -16.90 1.96 -16.80
C GLU A 302 -17.02 0.44 -16.71
N VAL A 303 -18.25 -0.07 -16.81
CA VAL A 303 -18.46 -1.51 -16.81
C VAL A 303 -17.79 -2.16 -18.02
N ALA A 304 -17.98 -1.56 -19.19
CA ALA A 304 -17.38 -2.12 -20.40
C ALA A 304 -15.87 -2.22 -20.26
N SER A 305 -15.25 -1.20 -19.66
CA SER A 305 -13.80 -1.17 -19.53
C SER A 305 -13.30 -2.21 -18.54
N VAL A 306 -14.05 -2.45 -17.46
CA VAL A 306 -13.67 -3.50 -16.52
C VAL A 306 -13.63 -4.83 -17.25
N LYS A 307 -14.67 -5.12 -18.05
CA LYS A 307 -14.71 -6.38 -18.79
C LYS A 307 -13.55 -6.48 -19.77
N GLN A 308 -13.26 -5.41 -20.52
CA GLN A 308 -12.16 -5.46 -21.47
C GLN A 308 -10.83 -5.70 -20.77
N ALA A 309 -10.61 -5.08 -19.62
CA ALA A 309 -9.34 -5.22 -18.92
C ALA A 309 -9.13 -6.65 -18.45
N PHE A 310 -10.16 -7.26 -17.87
CA PHE A 310 -10.03 -8.66 -17.46
C PHE A 310 -9.90 -9.58 -18.66
N ASP A 311 -10.61 -9.29 -19.76
CA ASP A 311 -10.40 -10.03 -21.00
C ASP A 311 -8.95 -9.96 -21.43
N ALA A 312 -8.35 -8.76 -21.39
CA ALA A 312 -7.00 -8.57 -21.89
C ALA A 312 -5.98 -9.39 -21.11
N VAL A 313 -6.22 -9.62 -19.81
CA VAL A 313 -5.32 -10.45 -19.00
C VAL A 313 -5.79 -11.89 -18.90
N GLY A 314 -6.79 -12.29 -19.69
CA GLY A 314 -7.18 -13.69 -19.77
C GLY A 314 -7.98 -14.20 -18.60
N VAL A 315 -8.66 -13.33 -17.87
CA VAL A 315 -9.45 -13.71 -16.70
C VAL A 315 -10.92 -13.60 -17.07
N LYS A 316 -11.61 -14.73 -17.10
CA LYS A 316 -13.03 -14.76 -17.43
C LYS A 316 -13.84 -14.97 -16.16
ZN ZN B . 2.04 -7.18 0.47
CA CA C . 5.56 3.92 -6.96
CA CA D . 15.56 15.65 18.07
CA CA E . 7.15 7.34 -7.44
CA CA F . 16.94 1.83 -7.63
S DMS G . -18.71 3.75 9.59
O DMS G . -19.53 2.77 10.37
C1 DMS G . -19.91 4.93 8.86
C2 DMS G . -17.94 4.87 10.78
N 88B H . 3.05 -11.19 3.32
C 88B H . 5.06 -9.96 2.89
O 88B H . 5.44 -10.78 2.05
C1 88B H . 5.83 -8.70 3.18
C2 88B H . 5.77 -7.73 2.03
C3 88B H . 4.36 -7.43 1.61
N1 88B H . 3.92 -10.10 3.56
O1 88B H . 3.81 -8.02 0.71
O2 88B H . 3.80 -6.50 2.30
#